data_4FK7
#
_entry.id   4FK7
#
_cell.length_a   31.986
_cell.length_b   71.832
_cell.length_c   98.628
_cell.angle_alpha   90.000
_cell.angle_beta   90.000
_cell.angle_gamma   90.000
#
_symmetry.space_group_name_H-M   'P 21 21 21'
#
loop_
_entity.id
_entity.type
_entity.pdbx_description
1 polymer 'Putative ADP-ribosyltransferase Certhrax'
2 non-polymer N~2~,N~2~-DIMETHYL-N~1~-(6-OXO-5,6-DIHYDROPHENANTHRIDIN-2-YL)GLYCINAMIDE
3 non-polymer 'CHLORIDE ION'
4 non-polymer 'UNKNOWN ATOM OR ION'
5 water water
#
_entity_poly.entity_id   1
_entity_poly.type   'polypeptide(L)'
_entity_poly.pdbx_seq_one_letter_code
;GNVLDFKWYTRKAESWGVQTFKNWKENLTISEKDIITGYTGSKYDPINEYLRKYDGEIIPNIGGDLDKKSKKALEKIENQ
IKNLDAALQKSKITENLIVYRRVSELQFGKKYEDYNLRQNGIINEEKVMELESNFKGQTFIQHNYMSTSLVQDPHQSYSN
DRYPILLEITIPEGVHGAYIADMSEYPGQYEMLINRGYTFKYDKFSIVKPTREEDKGKEYLKVNLSIYL
;
_entity_poly.pdbx_strand_id   A
#
# COMPACT_ATOMS: atom_id res chain seq x y z
C ASN A 2 -12.26 15.39 1.46
N VAL A 3 -12.54 14.33 0.73
CA VAL A 3 -11.53 13.28 0.54
C VAL A 3 -10.83 13.59 -0.77
N LEU A 4 -9.50 13.69 -0.71
CA LEU A 4 -8.69 13.89 -1.87
C LEU A 4 -8.50 12.57 -2.57
N ASP A 5 -8.82 12.52 -3.87
CA ASP A 5 -8.63 11.33 -4.68
C ASP A 5 -8.10 11.73 -6.03
N PHE A 6 -6.83 11.42 -6.28
CA PHE A 6 -6.15 11.78 -7.53
C PHE A 6 -6.49 10.93 -8.74
N LYS A 7 -7.24 9.84 -8.56
CA LYS A 7 -7.73 9.03 -9.67
C LYS A 7 -6.54 8.62 -10.55
N TRP A 8 -6.51 9.09 -11.80
CA TRP A 8 -5.42 8.78 -12.74
C TRP A 8 -4.57 9.99 -13.04
N TYR A 9 -4.67 11.04 -12.24
CA TYR A 9 -4.08 12.33 -12.56
C TYR A 9 -2.67 12.42 -11.97
N THR A 10 -1.73 11.81 -12.69
CA THR A 10 -0.38 11.66 -12.24
C THR A 10 0.32 13.00 -12.02
N ARG A 11 0.06 13.99 -12.89
CA ARG A 11 0.77 15.26 -12.76
C ARG A 11 0.32 15.98 -11.47
N LYS A 12 -0.99 16.01 -11.25
CA LYS A 12 -1.59 16.65 -10.04
C LYS A 12 -1.14 15.96 -8.75
N ALA A 13 -1.12 14.61 -8.80
CA ALA A 13 -0.67 13.82 -7.66
C ALA A 13 0.80 14.07 -7.35
N GLU A 14 1.66 14.02 -8.37
CA GLU A 14 3.09 14.29 -8.14
C GLU A 14 3.30 15.70 -7.53
N SER A 15 2.62 16.68 -8.10
CA SER A 15 2.75 18.07 -7.62
C SER A 15 2.36 18.16 -6.13
N TRP A 16 1.25 17.53 -5.76
CA TRP A 16 0.81 17.53 -4.37
C TRP A 16 1.74 16.76 -3.47
N GLY A 17 2.18 15.57 -3.90
CA GLY A 17 3.02 14.77 -3.05
C GLY A 17 4.38 15.39 -2.80
N VAL A 18 4.96 15.99 -3.82
CA VAL A 18 6.26 16.62 -3.64
C VAL A 18 6.11 17.85 -2.73
N GLN A 19 5.07 18.62 -3.00
CA GLN A 19 4.86 19.89 -2.26
C GLN A 19 4.60 19.64 -0.82
N THR A 20 3.64 18.76 -0.54
CA THR A 20 3.16 18.65 0.83
C THR A 20 4.11 17.89 1.76
N PHE A 21 5.07 17.14 1.21
CA PHE A 21 6.05 16.42 1.97
C PHE A 21 7.47 16.95 1.79
N LYS A 22 7.56 18.13 1.15
CA LYS A 22 8.87 18.76 0.90
C LYS A 22 9.69 18.99 2.17
N ASN A 23 9.09 19.63 3.15
CA ASN A 23 9.81 19.99 4.35
C ASN A 23 10.11 18.80 5.23
N TRP A 24 9.20 17.82 5.22
CA TRP A 24 9.44 16.55 5.86
C TRP A 24 10.67 15.93 5.27
N LYS A 25 10.73 15.85 3.96
CA LYS A 25 11.85 15.26 3.29
C LYS A 25 13.14 15.98 3.61
N GLU A 26 13.11 17.31 3.63
CA GLU A 26 14.36 17.99 3.84
CA GLU A 26 14.29 18.18 3.93
C GLU A 26 14.84 17.88 5.28
N ASN A 27 13.96 17.52 6.21
CA ASN A 27 14.33 17.28 7.59
C ASN A 27 14.70 15.82 7.89
N LEU A 28 14.67 14.94 6.88
CA LEU A 28 15.14 13.60 7.07
C LEU A 28 16.65 13.56 7.22
N THR A 29 17.11 12.63 8.05
CA THR A 29 18.55 12.38 8.17
C THR A 29 19.09 11.63 6.97
N ILE A 30 20.41 11.63 6.84
CA ILE A 30 21.07 10.83 5.77
C ILE A 30 20.66 9.37 5.82
N SER A 31 20.68 8.76 7.01
CA SER A 31 20.29 7.38 7.16
C SER A 31 18.83 7.13 6.82
N GLU A 32 17.96 8.06 7.20
CA GLU A 32 16.52 7.91 6.93
C GLU A 32 16.26 7.92 5.41
N LYS A 33 16.90 8.83 4.69
CA LYS A 33 16.72 8.90 3.24
C LYS A 33 17.27 7.62 2.57
N ASP A 34 18.43 7.17 3.03
CA ASP A 34 19.06 6.00 2.45
CA ASP A 34 19.08 5.96 2.49
C ASP A 34 18.16 4.76 2.62
N ILE A 35 17.55 4.66 3.78
CA ILE A 35 16.78 3.49 4.12
C ILE A 35 15.42 3.52 3.42
N ILE A 36 14.84 4.70 3.28
CA ILE A 36 13.60 4.83 2.46
C ILE A 36 13.86 4.35 1.02
N THR A 37 14.91 4.85 0.40
CA THR A 37 15.21 4.45 -0.96
C THR A 37 15.48 2.94 -1.03
N GLY A 38 16.30 2.44 -0.10
CA GLY A 38 16.60 1.03 -0.02
C GLY A 38 15.37 0.15 0.13
N TYR A 39 14.42 0.58 0.94
CA TYR A 39 13.16 -0.11 1.13
C TYR A 39 12.44 -0.28 -0.20
N THR A 40 12.42 0.76 -1.03
CA THR A 40 11.65 0.71 -2.30
C THR A 40 12.27 -0.26 -3.29
N GLY A 41 13.55 -0.57 -3.13
CA GLY A 41 14.24 -1.54 -4.02
C GLY A 41 14.56 -2.89 -3.39
N SER A 42 14.00 -3.20 -2.25
CA SER A 42 14.49 -4.34 -1.51
C SER A 42 13.68 -5.56 -1.87
N LYS A 43 14.36 -6.70 -1.89
CA LYS A 43 13.70 -7.98 -2.06
C LYS A 43 12.63 -8.19 -0.98
N TYR A 44 12.97 -7.86 0.27
CA TYR A 44 12.17 -8.25 1.44
C TYR A 44 11.50 -7.10 2.20
N ASP A 45 10.35 -7.37 2.81
CA ASP A 45 9.74 -6.44 3.74
C ASP A 45 10.46 -6.58 5.09
N PRO A 46 11.07 -5.50 5.62
CA PRO A 46 12.02 -5.69 6.76
C PRO A 46 11.41 -6.24 8.07
N ILE A 47 10.12 -6.05 8.27
CA ILE A 47 9.40 -6.66 9.37
C ILE A 47 9.33 -8.19 9.13
N ASN A 48 8.75 -8.58 7.97
CA ASN A 48 8.71 -9.99 7.56
C ASN A 48 10.10 -10.63 7.64
N GLU A 49 11.09 -9.90 7.17
CA GLU A 49 12.46 -10.38 7.21
C GLU A 49 13.00 -10.50 8.64
N TYR A 50 12.82 -9.47 9.45
CA TYR A 50 13.23 -9.52 10.87
C TYR A 50 12.70 -10.75 11.58
N LEU A 51 11.48 -11.15 11.25
CA LEU A 51 10.85 -12.33 11.86
C LEU A 51 11.41 -13.64 11.28
N ARG A 52 11.59 -13.69 9.96
CA ARG A 52 12.14 -14.86 9.27
C ARG A 52 13.54 -15.23 9.77
N LYS A 53 14.39 -14.22 10.02
CA LYS A 53 15.79 -14.45 10.37
C LYS A 53 15.97 -14.76 11.87
N LYS A 72 25.13 -8.92 12.21
CA LYS A 72 25.38 -7.98 11.14
C LYS A 72 24.24 -8.01 10.11
N ALA A 73 23.67 -9.20 9.90
CA ALA A 73 22.46 -9.31 9.07
C ALA A 73 21.28 -8.78 9.88
N LEU A 74 21.21 -9.15 11.17
CA LEU A 74 20.13 -8.72 12.07
C LEU A 74 20.29 -7.27 12.56
N GLU A 75 21.53 -6.78 12.63
CA GLU A 75 21.80 -5.37 12.90
C GLU A 75 21.25 -4.49 11.77
N LYS A 76 21.57 -4.84 10.53
CA LYS A 76 21.07 -4.13 9.34
C LYS A 76 19.54 -3.95 9.37
N ILE A 77 18.82 -5.03 9.72
CA ILE A 77 17.35 -5.02 9.69
C ILE A 77 16.76 -4.16 10.82
N GLU A 78 17.27 -4.32 12.02
CA GLU A 78 16.83 -3.51 13.17
CA GLU A 78 16.82 -3.52 13.16
C GLU A 78 17.03 -2.02 12.92
N ASN A 79 18.11 -1.70 12.22
CA ASN A 79 18.45 -0.32 11.90
C ASN A 79 17.52 0.23 10.84
N GLN A 80 17.22 -0.60 9.85
CA GLN A 80 16.25 -0.28 8.84
C GLN A 80 14.94 0.09 9.54
N ILE A 81 14.50 -0.76 10.47
CA ILE A 81 13.22 -0.53 11.14
C ILE A 81 13.24 0.75 11.97
N LYS A 82 14.35 0.98 12.70
CA LYS A 82 14.49 2.17 13.55
C LYS A 82 14.35 3.43 12.70
N ASN A 83 15.03 3.43 11.54
CA ASN A 83 15.08 4.61 10.68
C ASN A 83 13.77 4.79 9.93
N LEU A 84 13.16 3.70 9.46
CA LEU A 84 11.85 3.83 8.79
C LEU A 84 10.78 4.32 9.73
N ASP A 85 10.74 3.72 10.92
CA ASP A 85 9.82 4.15 11.94
C ASP A 85 9.98 5.64 12.25
N ALA A 86 11.23 6.06 12.46
CA ALA A 86 11.51 7.45 12.84
C ALA A 86 11.06 8.44 11.74
N ALA A 87 11.41 8.09 10.50
CA ALA A 87 11.03 8.88 9.32
C ALA A 87 9.53 9.05 9.22
N LEU A 88 8.82 7.91 9.27
CA LEU A 88 7.39 7.95 9.06
C LEU A 88 6.63 8.58 10.23
N GLN A 89 7.15 8.42 11.47
CA GLN A 89 6.53 9.05 12.63
C GLN A 89 6.57 10.56 12.58
N LYS A 90 7.52 11.10 11.80
CA LYS A 90 7.65 12.52 11.59
C LYS A 90 6.67 13.08 10.58
N SER A 91 6.03 12.22 9.80
CA SER A 91 5.10 12.65 8.74
C SER A 91 3.65 12.46 9.12
N LYS A 92 2.81 13.41 8.75
CA LYS A 92 1.35 13.29 8.92
C LYS A 92 0.69 13.74 7.65
N ILE A 93 -0.16 12.89 7.11
CA ILE A 93 -0.89 13.18 5.91
C ILE A 93 -1.85 14.33 6.17
N THR A 94 -1.83 15.33 5.30
CA THR A 94 -2.51 16.61 5.59
C THR A 94 -3.96 16.67 5.25
N GLU A 95 -4.46 15.68 4.55
CA GLU A 95 -5.87 15.67 4.10
C GLU A 95 -6.36 14.24 4.20
N ASN A 96 -7.67 14.06 4.30
CA ASN A 96 -8.28 12.71 4.09
C ASN A 96 -7.97 12.37 2.65
N LEU A 97 -7.53 11.15 2.43
CA LEU A 97 -6.92 10.77 1.17
C LEU A 97 -7.30 9.36 0.79
N ILE A 98 -7.58 9.15 -0.49
CA ILE A 98 -7.67 7.81 -1.09
C ILE A 98 -6.29 7.42 -1.68
N VAL A 99 -5.84 6.19 -1.38
CA VAL A 99 -4.66 5.61 -2.01
C VAL A 99 -5.05 4.20 -2.53
N TYR A 100 -4.20 3.67 -3.39
CA TYR A 100 -4.48 2.46 -4.18
C TYR A 100 -3.39 1.45 -3.99
N ARG A 101 -3.76 0.19 -3.83
CA ARG A 101 -2.77 -0.84 -3.66
C ARG A 101 -3.24 -2.13 -4.29
N ARG A 102 -2.48 -2.60 -5.27
CA ARG A 102 -2.73 -3.88 -5.94
C ARG A 102 -2.13 -5.03 -5.11
N VAL A 103 -2.92 -6.10 -4.92
CA VAL A 103 -2.47 -7.27 -4.19
C VAL A 103 -3.06 -8.56 -4.82
N SER A 104 -2.52 -9.68 -4.41
CA SER A 104 -3.06 -10.97 -4.80
C SER A 104 -3.95 -11.48 -3.68
N GLU A 105 -4.47 -12.70 -3.85
CA GLU A 105 -5.31 -13.30 -2.83
C GLU A 105 -4.59 -13.56 -1.53
N LEU A 106 -3.26 -13.53 -1.55
CA LEU A 106 -2.47 -13.66 -0.34
C LEU A 106 -2.84 -12.61 0.69
N GLN A 107 -3.46 -11.52 0.25
CA GLN A 107 -3.99 -10.50 1.14
C GLN A 107 -4.78 -11.13 2.25
N PHE A 108 -5.54 -12.20 1.94
CA PHE A 108 -6.47 -12.82 2.90
C PHE A 108 -5.84 -13.95 3.69
N GLY A 109 -4.59 -14.28 3.37
CA GLY A 109 -3.80 -15.27 4.10
C GLY A 109 -3.10 -16.24 3.19
N LYS A 110 -2.09 -16.90 3.74
CA LYS A 110 -1.26 -17.84 3.01
C LYS A 110 -2.08 -18.95 2.31
N LYS A 111 -3.15 -19.41 2.96
CA LYS A 111 -3.98 -20.47 2.37
C LYS A 111 -4.70 -20.06 1.10
N TYR A 112 -4.75 -18.75 0.85
CA TYR A 112 -5.46 -18.25 -0.30
C TYR A 112 -4.58 -18.15 -1.54
N GLU A 113 -3.34 -18.61 -1.45
CA GLU A 113 -2.43 -18.53 -2.62
C GLU A 113 -3.03 -19.10 -3.90
N ASP A 114 -3.72 -20.23 -3.77
CA ASP A 114 -4.33 -20.94 -4.88
C ASP A 114 -5.87 -20.72 -5.02
N TYR A 115 -6.38 -19.59 -4.53
CA TYR A 115 -7.82 -19.37 -4.47
C TYR A 115 -8.49 -19.26 -5.85
N ASN A 116 -7.74 -18.81 -6.85
CA ASN A 116 -8.25 -18.66 -8.22
CA ASN A 116 -8.25 -18.70 -8.21
C ASN A 116 -9.45 -17.76 -8.30
N LEU A 117 -9.31 -16.56 -7.71
CA LEU A 117 -10.34 -15.57 -7.77
C LEU A 117 -10.68 -15.16 -9.20
N ARG A 118 -9.66 -15.15 -10.05
CA ARG A 118 -9.78 -14.68 -11.41
C ARG A 118 -9.29 -15.76 -12.34
N GLN A 119 -10.11 -16.14 -13.31
CA GLN A 119 -9.68 -17.08 -14.36
C GLN A 119 -9.93 -16.50 -15.73
N ASN A 120 -8.89 -16.44 -16.56
CA ASN A 120 -9.01 -15.92 -17.94
C ASN A 120 -9.62 -14.52 -17.98
N GLY A 121 -9.15 -13.68 -17.06
CA GLY A 121 -9.61 -12.30 -16.99
C GLY A 121 -10.94 -12.05 -16.32
N ILE A 122 -11.58 -13.11 -15.84
CA ILE A 122 -12.94 -13.01 -15.34
C ILE A 122 -12.98 -13.35 -13.83
N ILE A 123 -13.53 -12.42 -13.05
CA ILE A 123 -13.63 -12.57 -11.61
C ILE A 123 -14.80 -13.52 -11.30
N ASN A 124 -14.48 -14.52 -10.52
CA ASN A 124 -15.46 -15.54 -10.11
C ASN A 124 -16.42 -14.96 -9.08
N GLU A 125 -17.69 -14.85 -9.45
CA GLU A 125 -18.68 -14.19 -8.60
C GLU A 125 -18.86 -14.91 -7.25
N GLU A 126 -18.96 -16.23 -7.26
CA GLU A 126 -19.21 -16.91 -5.96
C GLU A 126 -17.97 -16.79 -5.03
N LYS A 127 -16.76 -16.76 -5.58
CA LYS A 127 -15.55 -16.48 -4.78
C LYS A 127 -15.57 -15.09 -4.18
N VAL A 128 -16.05 -14.09 -4.93
CA VAL A 128 -16.27 -12.76 -4.35
C VAL A 128 -17.28 -12.83 -3.19
N MET A 129 -18.38 -13.53 -3.39
CA MET A 129 -19.35 -13.66 -2.32
CA MET A 129 -19.35 -13.68 -2.32
C MET A 129 -18.76 -14.36 -1.07
N GLU A 130 -17.90 -15.35 -1.26
CA GLU A 130 -17.24 -16.04 -0.12
CA GLU A 130 -17.25 -16.03 -0.11
C GLU A 130 -16.28 -15.10 0.62
N LEU A 131 -15.50 -14.35 -0.13
CA LEU A 131 -14.57 -13.36 0.51
C LEU A 131 -15.36 -12.32 1.28
N GLU A 132 -16.44 -11.84 0.69
CA GLU A 132 -17.28 -10.87 1.33
C GLU A 132 -17.83 -11.45 2.64
N SER A 133 -18.30 -12.69 2.58
CA SER A 133 -18.85 -13.35 3.77
C SER A 133 -17.78 -13.47 4.89
N ASN A 134 -16.59 -13.90 4.52
CA ASN A 134 -15.57 -14.16 5.49
C ASN A 134 -14.92 -12.88 6.04
N PHE A 135 -14.89 -11.82 5.21
CA PHE A 135 -14.08 -10.64 5.52
C PHE A 135 -14.82 -9.31 5.64
N LYS A 136 -15.99 -9.12 5.00
CA LYS A 136 -16.65 -7.81 5.09
C LYS A 136 -16.96 -7.50 6.55
N GLY A 137 -16.55 -6.31 6.99
CA GLY A 137 -16.76 -5.93 8.37
C GLY A 137 -15.69 -6.38 9.35
N GLN A 138 -14.76 -7.23 8.92
CA GLN A 138 -13.66 -7.69 9.76
C GLN A 138 -12.45 -6.76 9.54
N THR A 139 -11.48 -6.86 10.44
CA THR A 139 -10.27 -6.07 10.34
C THR A 139 -9.05 -6.97 10.17
N PHE A 140 -7.93 -6.37 9.79
CA PHE A 140 -6.62 -7.03 9.79
C PHE A 140 -5.58 -6.04 10.18
N ILE A 141 -4.46 -6.48 10.73
CA ILE A 141 -3.34 -5.61 11.12
C ILE A 141 -2.35 -5.71 9.99
N GLN A 142 -1.96 -4.57 9.43
CA GLN A 142 -0.90 -4.51 8.46
C GLN A 142 0.42 -4.32 9.23
N HIS A 143 1.08 -5.46 9.53
CA HIS A 143 2.28 -5.48 10.32
C HIS A 143 3.47 -4.93 9.59
N ASN A 144 3.49 -5.10 8.27
CA ASN A 144 4.54 -4.58 7.45
C ASN A 144 4.23 -3.12 7.11
N TYR A 145 5.26 -2.36 6.76
CA TYR A 145 5.03 -1.03 6.15
C TYR A 145 4.12 -1.23 4.94
N MET A 146 3.28 -0.25 4.62
CA MET A 146 2.27 -0.44 3.59
C MET A 146 2.51 0.49 2.40
N SER A 147 3.04 -0.08 1.34
CA SER A 147 3.29 0.67 0.12
C SER A 147 1.98 0.84 -0.64
N THR A 148 1.68 2.04 -1.06
CA THR A 148 0.46 2.36 -1.84
C THR A 148 0.80 3.38 -2.90
N SER A 149 -0.09 3.54 -3.87
CA SER A 149 0.10 4.57 -4.89
C SER A 149 -0.92 5.68 -4.72
N LEU A 150 -0.47 6.89 -5.00
CA LEU A 150 -1.32 8.07 -4.94
C LEU A 150 -2.34 8.12 -6.09
N VAL A 151 -2.05 7.45 -7.20
CA VAL A 151 -2.99 7.29 -8.32
C VAL A 151 -3.22 5.82 -8.54
N GLN A 152 -4.28 5.49 -9.27
CA GLN A 152 -4.66 4.11 -9.48
C GLN A 152 -3.81 3.47 -10.60
N ASP A 153 -3.16 2.36 -10.26
CA ASP A 153 -2.46 1.48 -11.22
C ASP A 153 -1.43 2.20 -12.14
N PRO A 154 -0.54 3.02 -11.55
CA PRO A 154 0.40 3.80 -12.39
C PRO A 154 1.51 2.95 -13.06
N HIS A 155 1.89 1.84 -12.45
CA HIS A 155 3.15 1.18 -12.80
C HIS A 155 2.94 -0.28 -13.09
N GLN A 156 3.59 -0.79 -14.13
CA GLN A 156 3.43 -2.19 -14.58
CA GLN A 156 3.35 -2.20 -14.54
C GLN A 156 3.90 -3.24 -13.58
N SER A 157 4.75 -2.85 -12.63
CA SER A 157 5.16 -3.74 -11.54
C SER A 157 3.97 -4.18 -10.69
N TYR A 158 2.99 -3.30 -10.57
CA TYR A 158 1.76 -3.55 -9.78
C TYR A 158 0.53 -3.27 -10.61
N SER A 159 0.27 -4.21 -11.53
CA SER A 159 -0.71 -4.02 -12.59
C SER A 159 -1.98 -4.84 -12.39
N ASN A 160 -3.05 -4.43 -13.07
CA ASN A 160 -4.25 -5.28 -13.20
C ASN A 160 -3.96 -6.64 -13.90
N ASP A 161 -2.98 -6.69 -14.81
CA ASP A 161 -2.65 -7.95 -15.48
C ASP A 161 -2.25 -9.03 -14.50
N ARG A 162 -1.45 -8.69 -13.51
CA ARG A 162 -1.02 -9.70 -12.54
C ARG A 162 -1.93 -9.84 -11.32
N TYR A 163 -2.39 -8.70 -10.78
CA TYR A 163 -3.06 -8.67 -9.49
C TYR A 163 -4.56 -8.48 -9.60
N PRO A 164 -5.36 -9.43 -9.08
CA PRO A 164 -6.78 -9.42 -9.35
C PRO A 164 -7.54 -8.56 -8.36
N ILE A 165 -6.82 -8.00 -7.37
CA ILE A 165 -7.46 -7.18 -6.32
C ILE A 165 -6.84 -5.77 -6.28
N LEU A 166 -7.71 -4.78 -6.27
CA LEU A 166 -7.33 -3.38 -6.02
C LEU A 166 -7.92 -3.02 -4.67
N LEU A 167 -7.03 -2.70 -3.73
CA LEU A 167 -7.45 -2.11 -2.48
C LEU A 167 -7.58 -0.62 -2.71
N GLU A 168 -8.74 -0.09 -2.43
CA GLU A 168 -9.02 1.35 -2.49
C GLU A 168 -9.18 1.80 -1.04
N ILE A 169 -8.18 2.52 -0.54
CA ILE A 169 -8.00 2.70 0.90
C ILE A 169 -8.26 4.16 1.30
N THR A 170 -9.15 4.37 2.26
CA THR A 170 -9.47 5.70 2.77
CA THR A 170 -9.39 5.73 2.70
C THR A 170 -8.64 5.96 4.01
N ILE A 171 -7.86 7.04 3.98
CA ILE A 171 -6.92 7.38 5.04
C ILE A 171 -7.32 8.70 5.65
N PRO A 172 -7.53 8.73 6.95
CA PRO A 172 -7.86 10.01 7.58
C PRO A 172 -6.64 10.92 7.69
N GLU A 173 -6.90 12.24 7.65
CA GLU A 173 -5.89 13.23 7.99
C GLU A 173 -5.22 12.84 9.26
N GLY A 174 -3.90 12.97 9.29
CA GLY A 174 -3.13 12.74 10.47
C GLY A 174 -2.34 11.47 10.51
N VAL A 175 -2.73 10.50 9.68
CA VAL A 175 -2.02 9.23 9.62
C VAL A 175 -0.55 9.42 9.25
N HIS A 176 0.32 8.56 9.79
CA HIS A 176 1.71 8.62 9.51
C HIS A 176 2.01 7.93 8.19
N GLY A 177 2.25 8.74 7.16
CA GLY A 177 2.63 8.24 5.85
C GLY A 177 3.24 9.39 5.09
N ALA A 178 3.95 9.13 4.00
CA ALA A 178 4.62 10.17 3.26
C ALA A 178 4.74 9.81 1.82
N TYR A 179 4.69 10.83 0.97
CA TYR A 179 4.96 10.66 -0.44
C TYR A 179 6.47 10.59 -0.64
N ILE A 180 6.92 9.51 -1.28
CA ILE A 180 8.37 9.22 -1.39
C ILE A 180 8.81 8.97 -2.83
N ALA A 181 7.95 9.26 -3.80
CA ALA A 181 8.24 8.87 -5.17
C ALA A 181 9.61 9.37 -5.69
N ASP A 182 10.00 10.62 -5.41
CA ASP A 182 11.22 11.15 -5.99
CA ASP A 182 11.22 11.13 -5.99
C ASP A 182 12.48 10.63 -5.28
N MET A 183 12.27 9.85 -4.20
CA MET A 183 13.35 9.13 -3.49
C MET A 183 13.35 7.65 -3.80
N SER A 184 12.40 7.20 -4.60
CA SER A 184 12.22 5.79 -4.79
C SER A 184 13.15 5.24 -5.87
N GLU A 185 13.42 3.95 -5.78
CA GLU A 185 14.01 3.22 -6.91
C GLU A 185 13.10 3.16 -8.14
N TYR A 186 11.78 3.31 -7.91
CA TYR A 186 10.78 3.30 -8.93
C TYR A 186 9.82 4.47 -8.76
N PRO A 187 10.27 5.68 -9.14
CA PRO A 187 9.38 6.84 -8.93
C PRO A 187 7.98 6.71 -9.57
N GLY A 188 7.87 5.99 -10.68
CA GLY A 188 6.60 5.86 -11.38
C GLY A 188 5.54 4.99 -10.67
N GLN A 189 5.89 4.45 -9.50
CA GLN A 189 4.88 3.84 -8.60
C GLN A 189 4.06 4.92 -7.83
N TYR A 190 4.49 6.19 -7.88
CA TYR A 190 3.81 7.30 -7.20
C TYR A 190 3.50 6.93 -5.74
N GLU A 191 4.52 6.49 -5.04
CA GLU A 191 4.34 5.84 -3.78
C GLU A 191 4.05 6.75 -2.60
N MET A 192 2.93 6.44 -1.95
CA MET A 192 2.61 6.88 -0.58
CA MET A 192 2.63 6.89 -0.60
C MET A 192 2.94 5.72 0.34
N LEU A 193 3.98 5.88 1.15
CA LEU A 193 4.38 4.87 2.12
C LEU A 193 3.69 5.13 3.45
N ILE A 194 2.88 4.16 3.87
CA ILE A 194 2.10 4.25 5.12
C ILE A 194 2.84 3.42 6.18
N ASN A 195 2.92 3.96 7.39
CA ASN A 195 3.70 3.31 8.45
C ASN A 195 3.13 1.95 8.76
N ARG A 196 3.95 1.14 9.35
CA ARG A 196 3.51 -0.19 9.80
C ARG A 196 2.66 -0.11 11.02
N GLY A 197 1.92 -1.21 11.27
CA GLY A 197 1.19 -1.37 12.49
C GLY A 197 -0.25 -0.89 12.53
N TYR A 198 -0.78 -0.36 11.43
CA TYR A 198 -2.16 0.10 11.40
C TYR A 198 -3.10 -1.06 11.14
N THR A 199 -4.28 -0.95 11.71
CA THR A 199 -5.36 -1.86 11.50
C THR A 199 -6.30 -1.25 10.43
N PHE A 200 -6.80 -2.11 9.55
CA PHE A 200 -7.67 -1.76 8.43
C PHE A 200 -8.95 -2.61 8.46
N LYS A 201 -10.08 -2.03 8.07
CA LYS A 201 -11.34 -2.77 7.97
CA LYS A 201 -11.35 -2.76 7.96
C LYS A 201 -11.73 -2.98 6.51
N TYR A 202 -12.22 -4.19 6.22
CA TYR A 202 -12.75 -4.52 4.90
C TYR A 202 -14.19 -3.98 4.80
N ASP A 203 -14.41 -2.96 3.99
CA ASP A 203 -15.72 -2.27 3.96
C ASP A 203 -16.63 -2.67 2.83
N LYS A 204 -16.07 -2.97 1.66
CA LYS A 204 -16.89 -3.21 0.49
C LYS A 204 -16.13 -4.00 -0.55
N PHE A 205 -16.87 -4.88 -1.27
CA PHE A 205 -16.33 -5.74 -2.29
C PHE A 205 -17.15 -5.47 -3.55
N SER A 206 -16.48 -5.12 -4.64
CA SER A 206 -17.17 -4.87 -5.89
CA SER A 206 -17.13 -4.75 -5.90
C SER A 206 -16.37 -5.32 -7.11
N ILE A 207 -17.08 -5.94 -8.05
CA ILE A 207 -16.40 -6.40 -9.26
C ILE A 207 -16.40 -5.27 -10.26
N VAL A 208 -15.24 -5.00 -10.83
CA VAL A 208 -15.07 -3.94 -11.80
C VAL A 208 -14.70 -4.52 -13.15
N LYS A 209 -15.48 -4.18 -14.17
CA LYS A 209 -15.32 -4.77 -15.50
C LYS A 209 -14.69 -3.76 -16.44
N PRO A 210 -13.90 -4.23 -17.43
CA PRO A 210 -13.12 -3.30 -18.28
C PRO A 210 -13.95 -2.34 -19.14
N GLY A 217 -8.07 -5.76 -21.29
CA GLY A 217 -8.91 -5.52 -20.13
C GLY A 217 -9.31 -6.78 -19.34
N LYS A 218 -8.69 -6.97 -18.17
CA LYS A 218 -9.22 -7.95 -17.21
C LYS A 218 -10.17 -7.32 -16.21
N GLU A 219 -11.12 -8.10 -15.74
CA GLU A 219 -11.92 -7.71 -14.58
C GLU A 219 -11.03 -7.72 -13.32
N TYR A 220 -11.46 -6.97 -12.30
CA TYR A 220 -10.84 -7.09 -10.99
C TYR A 220 -11.83 -6.92 -9.86
N LEU A 221 -11.41 -7.32 -8.67
CA LEU A 221 -12.17 -7.10 -7.45
C LEU A 221 -11.66 -5.86 -6.77
N LYS A 222 -12.52 -4.85 -6.59
CA LYS A 222 -12.18 -3.68 -5.79
C LYS A 222 -12.65 -3.91 -4.37
N VAL A 223 -11.70 -3.77 -3.44
CA VAL A 223 -11.95 -3.92 -2.03
C VAL A 223 -11.67 -2.57 -1.37
N ASN A 224 -12.71 -1.94 -0.88
CA ASN A 224 -12.57 -0.69 -0.13
C ASN A 224 -12.15 -1.00 1.30
N LEU A 225 -11.09 -0.34 1.75
CA LEU A 225 -10.61 -0.41 3.13
C LEU A 225 -10.64 0.97 3.75
N SER A 226 -10.72 0.97 5.07
CA SER A 226 -10.55 2.16 5.87
C SER A 226 -9.60 1.83 6.99
N ILE A 227 -8.85 2.83 7.43
CA ILE A 227 -8.04 2.68 8.65
C ILE A 227 -8.93 2.61 9.88
N TYR A 228 -8.54 1.74 10.79
CA TYR A 228 -9.24 1.48 12.04
CA TYR A 228 -9.27 1.58 12.07
C TYR A 228 -8.29 1.82 13.19
N LEU A 229 -8.31 3.08 13.67
CA LEU A 229 -7.32 3.58 14.62
C LEU A 229 -7.46 2.99 16.04
#